data_2BAM
#
_entry.id   2BAM
#
_cell.length_a   105.200
_cell.length_b   79.400
_cell.length_c   66.400
_cell.angle_alpha   90.00
_cell.angle_beta   90.00
_cell.angle_gamma   90.00
#
_symmetry.space_group_name_H-M   'P 21 21 21'
#
loop_
_entity.id
_entity.type
_entity.pdbx_description
1 polymer "DNA (5'-D(*TP*AP*TP*GP*GP*AP*TP*CP*CP*AP*TP*A)-3')"
2 polymer 'PROTEIN (ENDONUCLEASE BAMHI)'
3 non-polymer 'CALCIUM ION'
4 water water
#
loop_
_entity_poly.entity_id
_entity_poly.type
_entity_poly.pdbx_seq_one_letter_code
_entity_poly.pdbx_strand_id
1 'polydeoxyribonucleotide' (DT)(DA)(DT)(DG)(DG)(DA)(DT)(DC)(DC)(DA)(DT)(DA) C,D
2 'polypeptide(L)'
;MEVEKEFITDEAKELLSKDKLIQQAYNEVKTSICSPIWPATSKTFTINNTEKNCNGVVPIKELCYTLLEDTYNWYREKPL
DILKLEKKKGGPIDVYKEFIENSELKRVGMEFETGNISSAHRSMNKLLLGLKHGEIDLAIILMPIKQLAYYLTDRVTNFE
ELEPYFELTEGQPFIFIGFNAEAYNSNVPLIPKGSDGMSKRSIKKWKDKVENK
;
A,B
#
loop_
_chem_comp.id
_chem_comp.type
_chem_comp.name
_chem_comp.formula
CA non-polymer 'CALCIUM ION' 'Ca 2'
DA DNA linking 2'-DEOXYADENOSINE-5'-MONOPHOSPHATE 'C10 H14 N5 O6 P'
DC DNA linking 2'-DEOXYCYTIDINE-5'-MONOPHOSPHATE 'C9 H14 N3 O7 P'
DG DNA linking 2'-DEOXYGUANOSINE-5'-MONOPHOSPHATE 'C10 H14 N5 O7 P'
DT DNA linking THYMIDINE-5'-MONOPHOSPHATE 'C10 H15 N2 O8 P'
#
# COMPACT_ATOMS: atom_id res chain seq x y z
N MET C 1 -10.13 20.01 -15.18
CA MET C 1 -9.03 19.04 -15.12
C MET C 1 -9.05 18.21 -16.41
N GLU C 2 -7.92 17.59 -16.75
CA GLU C 2 -7.80 16.78 -17.95
C GLU C 2 -7.33 15.35 -17.68
N VAL C 3 -7.76 14.43 -18.53
CA VAL C 3 -7.32 13.04 -18.44
C VAL C 3 -6.15 12.92 -19.43
N GLU C 4 -4.91 12.90 -18.91
CA GLU C 4 -3.73 12.79 -19.76
C GLU C 4 -3.35 11.34 -20.07
N LYS C 5 -3.24 10.53 -19.03
CA LYS C 5 -2.86 9.13 -19.18
C LYS C 5 -3.99 8.19 -18.77
N GLU C 6 -3.98 6.98 -19.33
CA GLU C 6 -5.01 6.01 -19.03
C GLU C 6 -4.73 4.57 -19.46
N PHE C 7 -4.88 3.64 -18.52
CA PHE C 7 -4.69 2.22 -18.81
C PHE C 7 -6.05 1.52 -18.64
N ILE C 8 -6.41 0.70 -19.63
CA ILE C 8 -7.69 -0.01 -19.63
C ILE C 8 -7.45 -1.48 -19.95
N THR C 9 -7.66 -2.35 -18.96
CA THR C 9 -7.46 -3.79 -19.17
C THR C 9 -8.30 -4.33 -20.31
N ASP C 10 -7.89 -5.45 -20.88
CA ASP C 10 -8.60 -6.06 -21.99
C ASP C 10 -10.07 -6.31 -21.71
N GLU C 11 -10.38 -6.76 -20.50
CA GLU C 11 -11.75 -7.04 -20.09
C GLU C 11 -12.58 -5.75 -20.00
N ALA C 12 -11.94 -4.64 -19.64
CA ALA C 12 -12.63 -3.35 -19.55
C ALA C 12 -12.87 -2.77 -20.95
N LYS C 13 -11.93 -3.02 -21.88
CA LYS C 13 -12.05 -2.56 -23.25
C LYS C 13 -13.22 -3.26 -23.94
N GLU C 14 -13.38 -4.54 -23.62
CA GLU C 14 -14.45 -5.36 -24.19
C GLU C 14 -15.84 -4.85 -23.80
N LEU C 15 -15.98 -4.35 -22.58
CA LEU C 15 -17.24 -3.80 -22.08
C LEU C 15 -17.48 -2.42 -22.66
N LEU C 16 -16.44 -1.61 -22.71
CA LEU C 16 -16.52 -0.25 -23.22
C LEU C 16 -16.96 -0.21 -24.68
N SER C 17 -16.63 -1.25 -25.42
CA SER C 17 -16.98 -1.32 -26.84
C SER C 17 -18.26 -2.06 -27.15
N LYS C 18 -18.71 -2.93 -26.24
CA LYS C 18 -19.92 -3.70 -26.46
C LYS C 18 -21.10 -3.40 -25.53
N ASP C 19 -20.82 -2.81 -24.36
CA ASP C 19 -21.87 -2.54 -23.40
C ASP C 19 -22.16 -1.07 -23.19
N LYS C 20 -23.40 -0.67 -23.50
CA LYS C 20 -23.84 0.71 -23.36
C LYS C 20 -23.70 1.24 -21.95
N LEU C 21 -24.19 0.47 -20.97
CA LEU C 21 -24.14 0.85 -19.55
C LEU C 21 -22.74 1.17 -19.07
N ILE C 22 -21.75 0.41 -19.54
CA ILE C 22 -20.35 0.68 -19.18
C ILE C 22 -19.86 1.93 -19.93
N GLN C 23 -20.38 2.15 -21.14
CA GLN C 23 -20.04 3.33 -21.93
C GLN C 23 -20.60 4.56 -21.21
N GLN C 24 -21.83 4.44 -20.70
CA GLN C 24 -22.48 5.53 -19.95
C GLN C 24 -21.71 5.78 -18.67
N ALA C 25 -21.37 4.69 -17.99
CA ALA C 25 -20.63 4.70 -16.73
C ALA C 25 -19.27 5.36 -16.89
N TYR C 26 -18.60 5.02 -17.99
CA TYR C 26 -17.28 5.55 -18.30
C TYR C 26 -17.39 7.04 -18.62
N ASN C 27 -18.46 7.41 -19.32
CA ASN C 27 -18.70 8.80 -19.71
C ASN C 27 -18.89 9.66 -18.47
N GLU C 28 -19.68 9.17 -17.51
CA GLU C 28 -19.94 9.92 -16.30
C GLU C 28 -18.70 10.13 -15.43
N VAL C 29 -17.80 9.14 -15.40
CA VAL C 29 -16.59 9.30 -14.58
C VAL C 29 -15.57 10.28 -15.20
N LYS C 30 -15.42 10.22 -16.52
CA LYS C 30 -14.51 11.11 -17.23
C LYS C 30 -14.94 12.55 -17.07
N THR C 31 -16.23 12.81 -17.32
CA THR C 31 -16.77 14.16 -17.21
C THR C 31 -16.59 14.66 -15.78
N SER C 32 -16.66 13.77 -14.81
CA SER C 32 -16.53 14.13 -13.41
C SER C 32 -15.10 14.44 -12.99
N ILE C 33 -14.15 13.63 -13.46
CA ILE C 33 -12.74 13.84 -13.11
C ILE C 33 -12.17 15.10 -13.77
N CYS C 34 -12.83 15.52 -14.84
CA CYS C 34 -12.45 16.72 -15.57
C CYS C 34 -13.04 17.97 -14.93
N SER C 35 -14.03 17.76 -14.08
CA SER C 35 -14.74 18.84 -13.38
C SER C 35 -13.93 19.77 -12.47
N PRO C 36 -12.99 19.22 -11.67
CA PRO C 36 -12.21 20.11 -10.80
C PRO C 36 -11.59 21.32 -11.47
N ILE C 37 -11.79 22.48 -10.86
CA ILE C 37 -11.26 23.73 -11.39
C ILE C 37 -10.45 24.45 -10.32
N TRP C 38 -9.61 25.39 -10.74
CA TRP C 38 -8.78 26.14 -9.79
C TRP C 38 -8.16 27.40 -10.39
N PRO C 39 -8.38 28.55 -9.74
CA PRO C 39 -9.14 28.71 -8.49
C PRO C 39 -10.64 28.65 -8.75
N ALA C 40 -11.45 28.87 -7.73
CA ALA C 40 -12.92 28.80 -7.87
C ALA C 40 -13.48 29.72 -8.95
N THR C 41 -12.74 30.77 -9.28
CA THR C 41 -13.18 31.73 -10.29
C THR C 41 -12.95 31.27 -11.73
N SER C 42 -12.06 30.30 -11.92
CA SER C 42 -11.73 29.79 -13.25
C SER C 42 -12.63 28.68 -13.77
N LYS C 43 -12.61 28.49 -15.10
CA LYS C 43 -13.36 27.46 -15.79
C LYS C 43 -12.43 26.26 -15.99
N THR C 44 -11.14 26.45 -15.71
CA THR C 44 -10.16 25.37 -15.84
C THR C 44 -9.35 25.17 -14.58
N PHE C 45 -8.60 24.07 -14.53
CA PHE C 45 -7.76 23.80 -13.38
C PHE C 45 -6.35 24.23 -13.68
N THR C 46 -5.88 25.21 -12.92
CA THR C 46 -4.55 25.74 -13.05
C THR C 46 -3.81 25.44 -11.75
N ILE C 47 -2.60 24.90 -11.85
CA ILE C 47 -1.82 24.59 -10.67
C ILE C 47 -0.68 25.58 -10.48
N ASN C 48 -0.57 26.11 -9.26
CA ASN C 48 0.51 27.02 -8.92
C ASN C 48 1.81 26.21 -8.97
N ASN C 49 2.78 26.70 -9.74
CA ASN C 49 4.06 26.03 -9.89
C ASN C 49 5.26 26.75 -9.29
N THR C 50 5.06 27.50 -8.21
CA THR C 50 6.17 28.23 -7.60
C THR C 50 7.30 27.35 -7.10
N GLU C 51 6.94 26.25 -6.44
CA GLU C 51 7.93 25.33 -5.89
C GLU C 51 7.43 23.89 -5.89
N LYS C 52 8.36 22.95 -5.78
CA LYS C 52 8.04 21.53 -5.72
C LYS C 52 7.21 21.30 -4.47
N ASN C 53 6.14 20.51 -4.58
CA ASN C 53 5.25 20.18 -3.45
C ASN C 53 4.67 21.42 -2.76
N CYS C 54 4.37 22.46 -3.52
CA CYS C 54 3.82 23.69 -2.93
C CYS C 54 2.32 23.68 -2.62
N ASN C 55 1.56 22.85 -3.34
CA ASN C 55 0.12 22.79 -3.12
C ASN C 55 -0.36 21.61 -2.28
N GLY C 56 -1.38 21.86 -1.47
CA GLY C 56 -2.00 20.82 -0.67
C GLY C 56 -2.92 20.11 -1.65
N VAL C 57 -3.61 19.08 -1.21
CA VAL C 57 -4.47 18.33 -2.13
C VAL C 57 -5.96 18.19 -1.77
N VAL C 58 -6.34 18.60 -0.55
CA VAL C 58 -7.73 18.46 -0.10
C VAL C 58 -8.86 18.93 -1.03
N PRO C 59 -8.82 20.18 -1.53
CA PRO C 59 -9.88 20.69 -2.43
C PRO C 59 -10.05 20.03 -3.79
N ILE C 60 -9.05 19.32 -4.29
CA ILE C 60 -9.12 18.69 -5.63
C ILE C 60 -10.29 17.77 -5.93
N LYS C 61 -10.65 16.91 -4.99
CA LYS C 61 -11.73 15.95 -5.16
C LYS C 61 -13.15 16.49 -5.16
N GLU C 62 -13.34 17.68 -4.58
CA GLU C 62 -14.66 18.28 -4.47
C GLU C 62 -15.60 18.18 -5.68
N LEU C 63 -15.30 18.94 -6.72
CA LEU C 63 -16.16 18.95 -7.91
C LEU C 63 -16.36 17.61 -8.59
N CYS C 64 -15.38 16.72 -8.46
CA CYS C 64 -15.48 15.39 -9.04
C CYS C 64 -16.61 14.63 -8.32
N TYR C 65 -16.59 14.72 -6.99
CA TYR C 65 -17.60 14.07 -6.16
C TYR C 65 -18.99 14.71 -6.28
N THR C 66 -19.02 16.02 -6.50
CA THR C 66 -20.30 16.73 -6.65
C THR C 66 -21.03 16.24 -7.89
N LEU C 67 -20.34 16.23 -9.03
CA LEU C 67 -20.96 15.78 -10.28
C LEU C 67 -21.41 14.31 -10.16
N LEU C 68 -20.52 13.46 -9.66
CA LEU C 68 -20.82 12.04 -9.48
C LEU C 68 -22.03 11.86 -8.56
N GLU C 69 -22.06 12.59 -7.45
CA GLU C 69 -23.17 12.49 -6.52
C GLU C 69 -24.43 13.20 -6.97
N ASP C 70 -24.39 14.53 -6.95
CA ASP C 70 -25.53 15.36 -7.33
C ASP C 70 -26.11 15.09 -8.71
N THR C 71 -25.30 15.27 -9.74
CA THR C 71 -25.74 15.05 -11.10
C THR C 71 -25.96 13.60 -11.51
N TYR C 72 -24.94 12.77 -11.33
CA TYR C 72 -25.00 11.36 -11.73
C TYR C 72 -25.53 10.35 -10.74
N ASN C 73 -25.90 10.82 -9.56
CA ASN C 73 -26.49 9.96 -8.53
C ASN C 73 -25.64 8.77 -8.09
N TRP C 74 -24.33 8.99 -7.99
CA TRP C 74 -23.42 7.94 -7.53
C TRP C 74 -23.48 7.83 -6.00
N TYR C 75 -23.07 6.69 -5.47
CA TYR C 75 -23.10 6.48 -4.04
C TYR C 75 -21.70 6.63 -3.43
N ARG C 76 -21.53 7.61 -2.55
CA ARG C 76 -20.23 7.82 -1.88
C ARG C 76 -20.03 6.84 -0.75
N GLU C 77 -18.78 6.59 -0.40
CA GLU C 77 -18.42 5.70 0.68
C GLU C 77 -19.31 4.46 0.79
N LYS C 78 -19.27 3.65 -0.26
CA LYS C 78 -20.05 2.43 -0.33
C LYS C 78 -19.28 1.28 0.30
N PRO C 79 -19.81 0.70 1.39
CA PRO C 79 -19.10 -0.41 2.03
C PRO C 79 -19.31 -1.70 1.23
N LEU C 80 -18.26 -2.48 1.09
CA LEU C 80 -18.36 -3.75 0.38
C LEU C 80 -18.82 -4.80 1.38
N ASP C 81 -19.59 -5.78 0.93
CA ASP C 81 -20.08 -6.87 1.79
C ASP C 81 -18.94 -7.72 2.33
N ILE C 82 -17.98 -8.02 1.47
CA ILE C 82 -16.84 -8.82 1.87
C ILE C 82 -16.13 -8.13 3.03
N LEU C 83 -16.04 -6.80 2.96
CA LEU C 83 -15.36 -6.05 4.01
C LEU C 83 -16.12 -5.81 5.31
N LYS C 84 -17.30 -5.21 5.27
CA LYS C 84 -17.98 -5.00 6.55
C LYS C 84 -19.09 -5.95 6.98
N LEU C 85 -19.44 -6.90 6.12
CA LEU C 85 -20.45 -7.89 6.44
C LEU C 85 -19.82 -9.21 6.83
N GLU C 86 -18.97 -9.75 5.96
CA GLU C 86 -18.31 -11.02 6.23
C GLU C 86 -17.09 -10.91 7.14
N LYS C 87 -16.04 -10.25 6.62
CA LYS C 87 -14.79 -10.09 7.36
C LYS C 87 -14.83 -9.07 8.50
N LYS C 88 -15.81 -8.17 8.47
CA LYS C 88 -15.96 -7.15 9.49
C LYS C 88 -14.66 -6.40 9.78
N LYS C 89 -14.04 -5.91 8.71
CA LYS C 89 -12.79 -5.17 8.80
C LYS C 89 -12.59 -4.36 7.51
N GLY C 90 -12.05 -3.15 7.66
CA GLY C 90 -11.81 -2.31 6.50
C GLY C 90 -12.97 -1.36 6.26
N GLY C 91 -12.70 -0.27 5.53
CA GLY C 91 -13.73 0.71 5.25
C GLY C 91 -14.31 0.56 3.84
N PRO C 92 -15.18 1.50 3.42
CA PRO C 92 -15.85 1.50 2.13
C PRO C 92 -14.99 2.03 1.00
N ILE C 93 -15.49 1.85 -0.23
CA ILE C 93 -14.76 2.39 -1.43
C ILE C 93 -15.41 3.77 -1.67
N ASP C 94 -14.62 4.66 -2.34
CA ASP C 94 -14.99 6.02 -2.61
C ASP C 94 -16.37 6.18 -3.24
N VAL C 95 -16.61 5.53 -4.37
CA VAL C 95 -17.90 5.64 -5.05
C VAL C 95 -18.31 4.34 -5.68
N TYR C 96 -19.62 4.25 -5.90
CA TYR C 96 -20.22 3.07 -6.47
C TYR C 96 -21.59 3.42 -7.02
N LYS C 97 -21.99 2.75 -8.11
CA LYS C 97 -23.28 2.98 -8.71
C LYS C 97 -23.73 1.77 -9.51
N GLU C 98 -25.03 1.57 -9.56
CA GLU C 98 -25.62 0.47 -10.31
C GLU C 98 -26.28 0.98 -11.58
N PHE C 99 -25.79 0.50 -12.71
CA PHE C 99 -26.32 0.88 -14.02
C PHE C 99 -27.26 -0.22 -14.45
N ILE C 100 -28.54 0.12 -14.54
CA ILE C 100 -29.57 -0.85 -14.89
C ILE C 100 -30.37 -0.49 -16.13
N GLU C 101 -30.83 -1.54 -16.80
CA GLU C 101 -31.68 -1.42 -17.98
C GLU C 101 -32.18 -2.83 -18.27
N ASN C 102 -33.50 -2.97 -18.36
CA ASN C 102 -34.17 -4.26 -18.58
C ASN C 102 -33.76 -5.25 -17.46
N SER C 103 -33.14 -6.38 -17.83
CA SER C 103 -32.70 -7.38 -16.87
C SER C 103 -31.21 -7.22 -16.59
N GLU C 104 -30.53 -6.43 -17.42
CA GLU C 104 -29.10 -6.21 -17.27
C GLU C 104 -28.74 -5.23 -16.17
N LEU C 105 -27.74 -5.61 -15.38
CA LEU C 105 -27.26 -4.79 -14.29
C LEU C 105 -25.74 -4.79 -14.27
N LYS C 106 -25.18 -3.58 -14.26
CA LYS C 106 -23.73 -3.37 -14.21
C LYS C 106 -23.41 -2.54 -12.98
N ARG C 107 -22.48 -3.02 -12.16
CA ARG C 107 -22.10 -2.32 -10.94
C ARG C 107 -20.66 -1.83 -11.09
N VAL C 108 -20.46 -0.53 -10.89
CA VAL C 108 -19.13 0.03 -11.03
C VAL C 108 -18.59 0.59 -9.73
N GLY C 109 -17.41 0.09 -9.35
CA GLY C 109 -16.73 0.54 -8.15
C GLY C 109 -15.64 1.49 -8.59
N MET C 110 -15.34 2.48 -7.76
CA MET C 110 -14.31 3.43 -8.11
C MET C 110 -13.64 4.05 -6.87
N GLU C 111 -12.42 4.51 -7.09
CA GLU C 111 -11.63 5.11 -6.06
C GLU C 111 -10.90 6.28 -6.69
N PHE C 112 -10.99 7.44 -6.03
CA PHE C 112 -10.31 8.66 -6.49
C PHE C 112 -9.11 8.77 -5.55
N GLU C 113 -7.91 8.87 -6.11
CA GLU C 113 -6.74 8.94 -5.24
C GLU C 113 -5.84 10.16 -5.23
N THR C 114 -5.80 10.82 -4.09
CA THR C 114 -4.90 11.92 -3.87
C THR C 114 -4.22 11.71 -2.51
N GLY C 115 -4.31 10.48 -2.01
CA GLY C 115 -3.67 10.13 -0.75
C GLY C 115 -2.29 9.63 -1.15
N ASN C 116 -1.50 9.20 -0.18
CA ASN C 116 -0.16 8.69 -0.46
C ASN C 116 -0.21 7.61 -1.52
N ILE C 117 0.85 7.49 -2.32
CA ILE C 117 0.90 6.48 -3.37
C ILE C 117 0.65 5.07 -2.76
N SER C 118 1.05 4.87 -1.51
CA SER C 118 0.82 3.58 -0.89
C SER C 118 -0.67 3.35 -0.64
N SER C 119 -1.41 4.45 -0.44
CA SER C 119 -2.84 4.37 -0.23
C SER C 119 -3.53 3.85 -1.49
N ALA C 120 -2.96 4.13 -2.67
CA ALA C 120 -3.54 3.67 -3.93
C ALA C 120 -3.45 2.15 -4.08
N HIS C 121 -2.45 1.53 -3.46
CA HIS C 121 -2.32 0.07 -3.53
C HIS C 121 -3.49 -0.55 -2.78
N ARG C 122 -3.83 0.04 -1.62
CA ARG C 122 -4.96 -0.42 -0.83
C ARG C 122 -6.24 -0.30 -1.65
N SER C 123 -6.41 0.86 -2.29
CA SER C 123 -7.56 1.15 -3.15
C SER C 123 -7.72 0.13 -4.25
N MET C 124 -6.60 -0.23 -4.89
CA MET C 124 -6.60 -1.22 -5.96
C MET C 124 -6.98 -2.59 -5.43
N ASN C 125 -6.44 -2.94 -4.26
CA ASN C 125 -6.71 -4.22 -3.63
C ASN C 125 -8.14 -4.35 -3.16
N LYS C 126 -8.70 -3.26 -2.66
CA LYS C 126 -10.09 -3.28 -2.19
C LYS C 126 -11.03 -3.52 -3.37
N LEU C 127 -10.76 -2.84 -4.48
CA LEU C 127 -11.53 -2.99 -5.70
C LEU C 127 -11.32 -4.38 -6.31
N LEU C 128 -10.11 -4.93 -6.17
CA LEU C 128 -9.81 -6.27 -6.67
C LEU C 128 -10.61 -7.27 -5.85
N LEU C 129 -10.70 -7.01 -4.55
CA LEU C 129 -11.45 -7.84 -3.63
C LEU C 129 -12.92 -7.78 -4.03
N GLY C 130 -13.42 -6.57 -4.25
CA GLY C 130 -14.81 -6.39 -4.64
C GLY C 130 -15.12 -7.05 -5.98
N LEU C 131 -14.14 -7.10 -6.87
CA LEU C 131 -14.32 -7.72 -8.17
C LEU C 131 -14.33 -9.24 -8.06
N LYS C 132 -13.41 -9.77 -7.24
CA LYS C 132 -13.29 -11.21 -7.03
C LYS C 132 -14.54 -11.80 -6.39
N HIS C 133 -15.12 -11.05 -5.45
CA HIS C 133 -16.33 -11.47 -4.76
C HIS C 133 -17.63 -11.12 -5.46
N GLY C 134 -17.54 -10.68 -6.71
CA GLY C 134 -18.71 -10.34 -7.49
C GLY C 134 -19.61 -9.22 -7.04
N GLU C 135 -19.04 -8.21 -6.38
CA GLU C 135 -19.86 -7.08 -5.92
C GLU C 135 -19.90 -5.94 -6.95
N ILE C 136 -18.82 -5.81 -7.71
CA ILE C 136 -18.73 -4.80 -8.76
C ILE C 136 -18.30 -5.50 -10.03
N ASP C 137 -18.73 -4.97 -11.17
CA ASP C 137 -18.41 -5.54 -12.48
C ASP C 137 -17.24 -4.79 -13.14
N LEU C 138 -16.93 -3.61 -12.62
CA LEU C 138 -15.84 -2.78 -13.14
C LEU C 138 -15.27 -1.94 -12.01
N ALA C 139 -13.96 -1.76 -12.02
CA ALA C 139 -13.26 -0.94 -11.03
C ALA C 139 -12.45 0.11 -11.76
N ILE C 140 -12.41 1.32 -11.21
CA ILE C 140 -11.70 2.43 -11.84
C ILE C 140 -11.00 3.23 -10.76
N ILE C 141 -9.75 3.61 -11.02
CA ILE C 141 -9.01 4.44 -10.08
C ILE C 141 -8.68 5.73 -10.80
N LEU C 142 -8.81 6.86 -10.10
CA LEU C 142 -8.50 8.19 -10.63
C LEU C 142 -7.36 8.75 -9.77
N MET C 143 -6.37 9.34 -10.42
CA MET C 143 -5.22 9.86 -9.70
C MET C 143 -4.46 10.84 -10.59
N PRO C 144 -3.72 11.79 -9.96
CA PRO C 144 -2.94 12.76 -10.76
C PRO C 144 -1.72 12.12 -11.41
N ILE C 145 -1.25 12.69 -12.51
CA ILE C 145 -0.07 12.20 -13.17
C ILE C 145 1.11 12.85 -12.45
N LYS C 146 2.31 12.34 -12.68
CA LYS C 146 3.51 12.84 -12.03
C LYS C 146 3.77 14.33 -12.22
N GLN C 147 3.54 14.83 -13.43
CA GLN C 147 3.78 16.24 -13.69
C GLN C 147 2.98 17.15 -12.77
N LEU C 148 1.71 16.78 -12.55
CA LEU C 148 0.84 17.54 -11.66
C LEU C 148 1.22 17.27 -10.21
N ALA C 149 1.37 15.99 -9.86
CA ALA C 149 1.73 15.58 -8.50
C ALA C 149 3.02 16.21 -7.97
N TYR C 150 3.90 16.65 -8.88
CA TYR C 150 5.17 17.29 -8.53
C TYR C 150 4.92 18.61 -7.77
N TYR C 151 3.74 19.19 -8.01
CA TYR C 151 3.39 20.44 -7.36
C TYR C 151 2.43 20.27 -6.21
N LEU C 152 2.12 19.01 -5.92
CA LEU C 152 1.23 18.64 -4.83
C LEU C 152 2.06 18.08 -3.68
N THR C 153 1.38 17.85 -2.55
CA THR C 153 1.97 17.30 -1.33
C THR C 153 2.90 16.12 -1.69
N ASP C 154 4.08 16.07 -1.07
CA ASP C 154 5.04 15.02 -1.36
C ASP C 154 4.46 13.61 -1.22
N ARG C 155 4.78 12.78 -2.21
CA ARG C 155 4.38 11.36 -2.26
C ARG C 155 2.92 11.01 -2.49
N VAL C 156 2.14 11.90 -3.08
CA VAL C 156 0.75 11.56 -3.32
C VAL C 156 0.64 10.65 -4.53
N THR C 157 -0.49 9.99 -4.69
CA THR C 157 -0.71 9.07 -5.80
C THR C 157 -0.51 9.68 -7.17
N ASN C 158 0.37 9.07 -7.95
CA ASN C 158 0.66 9.51 -9.31
C ASN C 158 0.61 8.28 -10.22
N PHE C 159 -0.04 8.45 -11.36
CA PHE C 159 -0.23 7.41 -12.38
C PHE C 159 1.01 6.55 -12.65
N GLU C 160 2.12 7.20 -12.98
CA GLU C 160 3.38 6.55 -13.29
C GLU C 160 3.98 5.64 -12.21
N GLU C 161 3.76 5.98 -10.93
CA GLU C 161 4.27 5.18 -9.82
C GLU C 161 3.42 3.92 -9.52
N LEU C 162 2.11 4.00 -9.73
CA LEU C 162 1.25 2.83 -9.52
C LEU C 162 1.28 1.94 -10.76
N GLU C 163 1.67 2.51 -11.90
CA GLU C 163 1.74 1.78 -13.19
C GLU C 163 2.46 0.42 -13.17
N PRO C 164 3.60 0.30 -12.46
CA PRO C 164 4.26 -1.01 -12.44
C PRO C 164 3.44 -2.13 -11.77
N TYR C 165 2.29 -1.77 -11.23
CA TYR C 165 1.43 -2.71 -10.54
C TYR C 165 0.11 -2.96 -11.23
N PHE C 166 -0.16 -2.24 -12.31
CA PHE C 166 -1.39 -2.38 -13.05
C PHE C 166 -1.66 -3.81 -13.50
N GLU C 167 -0.60 -4.57 -13.75
CA GLU C 167 -0.74 -5.94 -14.23
C GLU C 167 -1.33 -6.90 -13.21
N LEU C 168 -1.25 -6.53 -11.93
CA LEU C 168 -1.81 -7.33 -10.86
C LEU C 168 -3.34 -7.38 -10.95
N THR C 169 -3.89 -6.75 -12.00
CA THR C 169 -5.32 -6.71 -12.23
C THR C 169 -5.68 -7.53 -13.46
N GLU C 170 -4.81 -8.43 -13.88
CA GLU C 170 -5.09 -9.24 -15.07
C GLU C 170 -6.37 -10.09 -14.94
N GLY C 171 -7.06 -10.26 -16.06
CA GLY C 171 -8.27 -11.05 -16.07
C GLY C 171 -9.44 -10.40 -15.39
N GLN C 172 -9.31 -9.11 -15.07
CA GLN C 172 -10.38 -8.39 -14.41
C GLN C 172 -10.57 -7.00 -15.03
N PRO C 173 -11.84 -6.60 -15.24
CA PRO C 173 -12.17 -5.29 -15.82
C PRO C 173 -11.79 -4.13 -14.91
N PHE C 174 -10.70 -3.45 -15.27
CA PHE C 174 -10.17 -2.34 -14.48
C PHE C 174 -9.68 -1.23 -15.41
N ILE C 175 -9.73 0.00 -14.93
CA ILE C 175 -9.30 1.16 -15.70
C ILE C 175 -8.56 2.12 -14.77
N PHE C 176 -7.43 2.65 -15.22
CA PHE C 176 -6.66 3.59 -14.44
C PHE C 176 -6.61 4.88 -15.21
N ILE C 177 -6.96 5.97 -14.55
CA ILE C 177 -6.98 7.29 -15.18
C ILE C 177 -6.09 8.29 -14.43
N GLY C 178 -5.18 8.90 -15.18
CA GLY C 178 -4.28 9.88 -14.62
C GLY C 178 -4.78 11.24 -15.10
N PHE C 179 -4.95 12.19 -14.18
CA PHE C 179 -5.42 13.52 -14.56
C PHE C 179 -4.36 14.59 -14.44
N ASN C 180 -4.57 15.68 -15.17
CA ASN C 180 -3.61 16.76 -15.21
C ASN C 180 -4.29 18.14 -15.26
N ALA C 181 -3.60 19.14 -14.73
CA ALA C 181 -4.10 20.51 -14.73
C ALA C 181 -4.02 21.02 -16.18
N GLU C 182 -4.83 22.02 -16.49
CA GLU C 182 -4.83 22.62 -17.82
C GLU C 182 -3.68 23.63 -18.00
N ALA C 183 -3.27 24.26 -16.91
CA ALA C 183 -2.20 25.25 -16.95
C ALA C 183 -1.33 25.19 -15.70
N TYR C 184 -0.08 25.58 -15.85
CA TYR C 184 0.88 25.59 -14.75
C TYR C 184 1.45 26.99 -14.65
N ASN C 185 1.01 27.76 -13.67
CA ASN C 185 1.52 29.11 -13.52
C ASN C 185 1.54 29.59 -12.08
N SER C 186 2.39 30.57 -11.82
CA SER C 186 2.52 31.14 -10.50
C SER C 186 1.55 32.31 -10.30
N ASN C 187 0.56 32.42 -11.19
CA ASN C 187 -0.41 33.50 -11.12
C ASN C 187 -1.67 33.14 -10.35
N VAL C 188 -1.68 31.95 -9.76
CA VAL C 188 -2.83 31.49 -9.01
C VAL C 188 -2.49 31.23 -7.55
N PRO C 189 -3.50 31.16 -6.69
CA PRO C 189 -3.26 30.91 -5.26
C PRO C 189 -2.87 29.46 -4.99
N LEU C 190 -2.07 29.26 -3.95
CA LEU C 190 -1.63 27.92 -3.58
C LEU C 190 -2.81 27.16 -2.99
N ILE C 191 -2.98 25.88 -3.34
CA ILE C 191 -4.06 25.10 -2.75
C ILE C 191 -3.55 24.91 -1.34
N PRO C 192 -4.35 25.32 -0.35
CA PRO C 192 -3.98 25.21 1.07
C PRO C 192 -3.60 23.81 1.54
N LYS C 193 -2.77 23.74 2.58
CA LYS C 193 -2.32 22.48 3.14
C LYS C 193 -2.82 22.28 4.56
N GLY C 194 -3.02 21.01 4.90
CA GLY C 194 -3.45 20.65 6.24
C GLY C 194 -2.24 20.55 7.14
N SER C 195 -2.49 20.27 8.42
CA SER C 195 -1.42 20.13 9.41
C SER C 195 -1.11 18.65 9.57
N ASP C 196 -1.51 17.85 8.58
CA ASP C 196 -1.31 16.41 8.60
C ASP C 196 0.11 15.93 8.75
N GLY C 197 0.25 14.70 9.22
CA GLY C 197 1.55 14.09 9.40
C GLY C 197 2.72 14.93 9.90
N MET C 198 3.74 15.05 9.05
CA MET C 198 4.96 15.78 9.38
C MET C 198 4.99 17.26 9.07
N SER C 199 3.81 17.85 8.86
CA SER C 199 3.70 19.28 8.59
C SER C 199 4.27 19.96 9.81
N LYS C 200 4.91 21.11 9.60
CA LYS C 200 5.51 21.85 10.72
C LYS C 200 4.44 22.30 11.70
N ARG C 201 3.20 22.24 11.27
CA ARG C 201 2.07 22.63 12.10
C ARG C 201 1.47 21.51 12.94
N SER C 202 1.86 20.26 12.67
CA SER C 202 1.34 19.12 13.42
C SER C 202 1.94 19.06 14.81
N ILE C 203 1.15 18.60 15.77
CA ILE C 203 1.59 18.48 17.15
C ILE C 203 2.47 17.25 17.32
N LYS C 204 3.72 17.48 17.70
CA LYS C 204 4.68 16.40 17.93
C LYS C 204 5.07 16.48 19.40
N LYS C 205 4.63 15.50 20.17
CA LYS C 205 4.90 15.45 21.60
C LYS C 205 6.27 14.86 21.98
N TRP C 206 7.17 14.70 21.01
CA TRP C 206 8.47 14.10 21.30
C TRP C 206 9.72 14.92 21.50
N LYS C 207 9.74 16.18 21.07
CA LYS C 207 10.96 16.96 21.28
C LYS C 207 10.99 17.62 22.69
N MET D 1 10.51 -10.50 21.44
CA MET D 1 9.20 -10.47 20.74
C MET D 1 8.59 -11.86 20.64
N GLU D 2 7.29 -11.90 20.38
CA GLU D 2 6.54 -13.12 20.25
C GLU D 2 5.82 -13.08 18.91
N VAL D 3 5.67 -14.24 18.28
CA VAL D 3 4.93 -14.35 17.04
C VAL D 3 3.59 -14.90 17.53
N GLU D 4 2.56 -14.06 17.44
CA GLU D 4 1.21 -14.38 17.93
C GLU D 4 0.19 -14.77 16.87
N LYS D 5 0.29 -14.16 15.69
CA LYS D 5 -0.62 -14.45 14.61
C LYS D 5 0.19 -14.78 13.39
N GLU D 6 -0.39 -15.58 12.52
CA GLU D 6 0.29 -15.98 11.31
C GLU D 6 -0.63 -16.64 10.29
N PHE D 7 -0.50 -16.22 9.05
CA PHE D 7 -1.25 -16.83 7.96
C PHE D 7 -0.21 -17.39 7.01
N ILE D 8 -0.41 -18.66 6.66
CA ILE D 8 0.47 -19.36 5.74
C ILE D 8 -0.43 -19.91 4.66
N THR D 9 -0.21 -19.48 3.43
CA THR D 9 -1.01 -19.95 2.30
C THR D 9 -0.74 -21.45 2.18
N ASP D 10 -1.57 -22.16 1.43
CA ASP D 10 -1.39 -23.60 1.28
C ASP D 10 -0.16 -23.91 0.46
N GLU D 11 0.22 -23.01 -0.44
CA GLU D 11 1.38 -23.21 -1.28
C GLU D 11 2.64 -23.09 -0.44
N ALA D 12 2.59 -22.24 0.58
CA ALA D 12 3.71 -22.03 1.49
C ALA D 12 3.80 -23.16 2.50
N LYS D 13 2.64 -23.64 2.94
CA LYS D 13 2.59 -24.75 3.89
C LYS D 13 3.30 -25.95 3.29
N GLU D 14 2.93 -26.25 2.06
CA GLU D 14 3.51 -27.36 1.32
C GLU D 14 5.04 -27.27 1.23
N LEU D 15 5.53 -26.08 0.86
CA LEU D 15 6.96 -25.84 0.77
C LEU D 15 7.62 -26.04 2.12
N LEU D 16 6.99 -25.54 3.18
CA LEU D 16 7.49 -25.68 4.53
C LEU D 16 7.53 -27.13 5.01
N SER D 17 6.76 -27.99 4.37
CA SER D 17 6.71 -29.41 4.76
C SER D 17 7.63 -30.28 3.91
N LYS D 18 7.69 -30.01 2.61
CA LYS D 18 8.51 -30.78 1.68
C LYS D 18 9.90 -30.25 1.40
N ASP D 19 10.14 -28.97 1.64
CA ASP D 19 11.44 -28.36 1.37
C ASP D 19 12.21 -27.86 2.60
N LYS D 20 13.38 -28.45 2.85
CA LYS D 20 14.22 -28.10 3.98
C LYS D 20 14.90 -26.74 3.92
N LEU D 21 15.11 -26.20 2.72
CA LEU D 21 15.71 -24.88 2.58
C LEU D 21 14.69 -23.83 2.99
N ILE D 22 13.43 -24.07 2.60
CA ILE D 22 12.34 -23.17 2.95
C ILE D 22 12.08 -23.31 4.46
N GLN D 23 12.32 -24.51 4.98
CA GLN D 23 12.16 -24.75 6.40
C GLN D 23 13.23 -23.98 7.17
N GLN D 24 14.43 -23.92 6.60
CA GLN D 24 15.53 -23.19 7.24
C GLN D 24 15.30 -21.68 7.19
N ALA D 25 14.79 -21.22 6.04
CA ALA D 25 14.49 -19.82 5.80
C ALA D 25 13.51 -19.30 6.84
N TYR D 26 12.45 -20.08 7.05
CA TYR D 26 11.40 -19.76 8.01
C TYR D 26 11.93 -19.65 9.43
N ASN D 27 12.80 -20.58 9.80
CA ASN D 27 13.38 -20.61 11.13
C ASN D 27 14.33 -19.46 11.40
N GLU D 28 14.94 -18.95 10.33
CA GLU D 28 15.85 -17.82 10.49
C GLU D 28 14.97 -16.57 10.68
N VAL D 29 13.87 -16.49 9.94
CA VAL D 29 12.95 -15.37 10.05
C VAL D 29 12.29 -15.39 11.42
N LYS D 30 11.79 -16.55 11.83
CA LYS D 30 11.13 -16.72 13.12
C LYS D 30 12.02 -16.31 14.28
N THR D 31 13.28 -16.74 14.25
CA THR D 31 14.22 -16.40 15.30
C THR D 31 14.57 -14.93 15.29
N SER D 32 14.63 -14.34 14.10
CA SER D 32 14.95 -12.93 13.93
C SER D 32 13.83 -12.00 14.40
N ILE D 33 12.59 -12.36 14.11
CA ILE D 33 11.45 -11.54 14.53
C ILE D 33 11.15 -11.69 16.04
N CYS D 34 11.75 -12.68 16.69
CA CYS D 34 11.57 -12.89 18.14
C CYS D 34 12.74 -12.29 18.92
N SER D 35 13.80 -11.91 18.20
CA SER D 35 14.99 -11.34 18.82
C SER D 35 14.85 -9.94 19.44
N PRO D 36 13.98 -9.07 18.87
CA PRO D 36 13.85 -7.75 19.46
C PRO D 36 13.49 -7.79 20.95
N ILE D 37 14.10 -6.90 21.72
CA ILE D 37 13.89 -6.80 23.16
C ILE D 37 13.90 -5.32 23.51
N TRP D 38 12.97 -4.81 24.34
CA TRP D 38 13.10 -3.39 24.62
C TRP D 38 14.32 -3.10 25.50
N PRO D 39 14.31 -2.12 26.45
CA PRO D 39 15.58 -1.87 27.19
C PRO D 39 16.76 -2.69 26.69
N ALA D 40 17.54 -2.14 25.76
CA ALA D 40 18.69 -2.86 25.19
C ALA D 40 19.32 -3.89 26.12
N THR D 41 19.28 -3.60 27.41
CA THR D 41 19.81 -4.47 28.46
C THR D 41 18.85 -5.58 28.88
N SER D 42 17.56 -5.34 28.69
CA SER D 42 16.52 -6.31 29.04
C SER D 42 16.59 -7.63 28.33
N LYS D 43 15.98 -8.62 28.96
CA LYS D 43 15.90 -9.97 28.45
C LYS D 43 14.88 -10.06 27.31
N THR D 44 13.71 -9.49 27.55
CA THR D 44 12.57 -9.51 26.63
C THR D 44 12.16 -8.15 26.13
N PHE D 45 11.10 -8.11 25.32
CA PHE D 45 10.60 -6.86 24.77
C PHE D 45 9.41 -6.32 25.55
N THR D 46 9.66 -5.31 26.38
CA THR D 46 8.60 -4.69 27.15
C THR D 46 8.33 -3.36 26.49
N ILE D 47 7.06 -3.08 26.20
CA ILE D 47 6.70 -1.82 25.55
C ILE D 47 6.02 -0.86 26.51
N ASN D 48 6.46 0.39 26.48
CA ASN D 48 5.87 1.43 27.31
C ASN D 48 4.40 1.58 26.87
N ASN D 49 3.48 1.46 27.81
CA ASN D 49 2.05 1.55 27.49
C ASN D 49 1.32 2.76 28.04
N THR D 50 2.05 3.81 28.44
CA THR D 50 1.48 5.02 28.99
C THR D 50 0.35 5.66 28.17
N GLU D 51 0.55 5.77 26.86
CA GLU D 51 -0.45 6.38 25.98
C GLU D 51 -0.62 5.67 24.64
N LYS D 52 -1.63 6.09 23.90
CA LYS D 52 -1.91 5.57 22.57
C LYS D 52 -0.78 6.16 21.73
N ASN D 53 -0.27 5.37 20.79
CA ASN D 53 0.81 5.79 19.88
C ASN D 53 2.04 6.46 20.49
N CYS D 54 2.36 6.12 21.74
CA CYS D 54 3.49 6.75 22.42
C CYS D 54 4.91 6.31 21.97
N ASN D 55 5.02 5.24 21.18
CA ASN D 55 6.35 4.77 20.74
C ASN D 55 6.63 4.83 19.23
N GLY D 56 7.90 5.08 18.88
CA GLY D 56 8.29 5.10 17.48
C GLY D 56 8.44 3.65 17.04
N VAL D 57 8.48 3.39 15.73
CA VAL D 57 8.62 2.02 15.24
C VAL D 57 9.99 1.59 14.70
N VAL D 58 10.89 2.53 14.47
CA VAL D 58 12.19 2.18 13.89
C VAL D 58 13.11 1.29 14.71
N PRO D 59 13.34 1.61 16.00
CA PRO D 59 14.22 0.75 16.81
C PRO D 59 13.71 -0.68 16.99
N ILE D 60 12.39 -0.89 16.89
CA ILE D 60 11.81 -2.22 17.03
C ILE D 60 12.35 -3.23 16.01
N LYS D 61 12.78 -2.73 14.85
CA LYS D 61 13.29 -3.59 13.78
C LYS D 61 14.79 -3.88 13.76
N GLU D 62 15.58 -3.10 14.49
CA GLU D 62 17.04 -3.25 14.52
C GLU D 62 17.62 -4.64 14.75
N LEU D 63 17.22 -5.27 15.83
CA LEU D 63 17.71 -6.58 16.18
C LEU D 63 17.28 -7.64 15.19
N CYS D 64 16.08 -7.54 14.66
CA CYS D 64 15.59 -8.50 13.68
C CYS D 64 16.41 -8.45 12.38
N TYR D 65 16.67 -7.24 11.91
CA TYR D 65 17.44 -6.99 10.71
C TYR D 65 18.89 -7.43 10.89
N THR D 66 19.47 -7.01 12.02
CA THR D 66 20.86 -7.32 12.38
C THR D 66 21.16 -8.82 12.49
N LEU D 67 20.20 -9.60 12.94
CA LEU D 67 20.38 -11.06 13.08
C LEU D 67 20.28 -11.69 11.70
N LEU D 68 19.34 -11.23 10.90
CA LEU D 68 19.14 -11.73 9.55
C LEU D 68 20.31 -11.42 8.64
N GLU D 69 20.86 -10.22 8.78
CA GLU D 69 21.97 -9.80 7.96
C GLU D 69 23.31 -10.37 8.38
N ASP D 70 23.67 -10.10 9.63
CA ASP D 70 24.94 -10.54 10.20
C ASP D 70 25.10 -12.01 10.61
N THR D 71 24.05 -12.63 11.11
CA THR D 71 24.14 -14.03 11.52
C THR D 71 23.69 -14.97 10.41
N TYR D 72 22.58 -14.64 9.78
CA TYR D 72 22.02 -15.46 8.72
C TYR D 72 22.35 -15.10 7.27
N ASN D 73 23.10 -14.04 7.06
CA ASN D 73 23.52 -13.59 5.74
C ASN D 73 22.40 -13.18 4.77
N TRP D 74 21.34 -12.57 5.29
CA TRP D 74 20.26 -12.09 4.43
C TRP D 74 20.71 -10.73 3.90
N TYR D 75 20.26 -10.39 2.70
CA TYR D 75 20.61 -9.10 2.10
C TYR D 75 19.45 -8.10 2.13
N ARG D 76 19.79 -6.82 2.05
CA ARG D 76 18.82 -5.76 2.05
C ARG D 76 18.82 -5.07 0.71
N GLU D 77 17.63 -4.73 0.25
CA GLU D 77 17.41 -4.01 -0.99
C GLU D 77 17.73 -4.75 -2.28
N LYS D 78 16.99 -5.83 -2.48
CA LYS D 78 17.09 -6.66 -3.68
C LYS D 78 16.11 -6.09 -4.70
N PRO D 79 16.63 -5.48 -5.77
CA PRO D 79 15.72 -4.92 -6.77
C PRO D 79 15.15 -6.06 -7.60
N LEU D 80 13.89 -5.95 -7.97
CA LEU D 80 13.26 -6.97 -8.79
C LEU D 80 13.48 -6.61 -10.25
N ASP D 81 13.77 -7.60 -11.08
CA ASP D 81 13.98 -7.38 -12.52
C ASP D 81 12.76 -6.77 -13.17
N ILE D 82 11.58 -7.26 -12.81
CA ILE D 82 10.34 -6.75 -13.38
C ILE D 82 10.23 -5.25 -13.13
N LEU D 83 10.76 -4.81 -11.99
CA LEU D 83 10.71 -3.40 -11.62
C LEU D 83 11.93 -2.59 -12.09
N LYS D 84 13.13 -3.09 -11.80
CA LYS D 84 14.35 -2.38 -12.20
C LYS D 84 14.65 -2.45 -13.69
N LEU D 85 14.39 -3.61 -14.30
CA LEU D 85 14.70 -3.82 -15.72
C LEU D 85 13.57 -3.65 -16.72
N GLU D 86 12.46 -4.37 -16.54
CA GLU D 86 11.34 -4.30 -17.48
C GLU D 86 10.50 -3.02 -17.38
N LYS D 87 9.98 -2.74 -16.19
CA LYS D 87 9.15 -1.57 -15.97
C LYS D 87 9.96 -0.35 -15.61
N LYS D 88 11.21 -0.56 -15.21
CA LYS D 88 12.10 0.54 -14.86
C LYS D 88 11.39 1.53 -13.95
N LYS D 89 10.72 0.99 -12.92
CA LYS D 89 9.97 1.82 -11.97
C LYS D 89 9.71 0.97 -10.72
N GLY D 90 9.95 1.56 -9.56
CA GLY D 90 9.72 0.84 -8.32
C GLY D 90 10.98 0.54 -7.54
N GLY D 91 10.87 0.55 -6.22
CA GLY D 91 11.99 0.28 -5.35
C GLY D 91 12.24 -1.20 -5.17
N PRO D 92 13.28 -1.55 -4.42
CA PRO D 92 13.64 -2.95 -4.17
C PRO D 92 12.82 -3.62 -3.04
N ILE D 93 13.16 -4.87 -2.75
CA ILE D 93 12.52 -5.61 -1.67
C ILE D 93 13.35 -5.36 -0.41
N ASP D 94 12.70 -5.37 0.74
CA ASP D 94 13.33 -5.08 2.03
C ASP D 94 14.44 -6.04 2.43
N VAL D 95 14.15 -7.32 2.48
CA VAL D 95 15.13 -8.33 2.86
C VAL D 95 15.08 -9.44 1.80
N TYR D 96 16.24 -10.02 1.52
CA TYR D 96 16.33 -11.06 0.51
C TYR D 96 17.50 -11.98 0.79
N LYS D 97 17.33 -13.25 0.45
CA LYS D 97 18.39 -14.22 0.62
C LYS D 97 18.15 -15.35 -0.34
N GLU D 98 19.23 -15.93 -0.84
CA GLU D 98 19.17 -17.07 -1.73
C GLU D 98 19.67 -18.26 -0.92
N PHE D 99 18.87 -19.31 -0.85
CA PHE D 99 19.25 -20.51 -0.09
C PHE D 99 19.75 -21.55 -1.06
N ILE D 100 20.87 -22.19 -0.74
CA ILE D 100 21.44 -23.20 -1.63
C ILE D 100 21.87 -24.48 -0.93
N GLU D 101 21.55 -25.59 -1.58
CA GLU D 101 21.90 -26.92 -1.13
C GLU D 101 22.10 -27.69 -2.42
N ASN D 102 23.35 -27.76 -2.87
CA ASN D 102 23.71 -28.45 -4.11
C ASN D 102 23.17 -27.71 -5.34
N SER D 103 22.36 -28.37 -6.16
CA SER D 103 21.82 -27.73 -7.37
C SER D 103 20.61 -26.85 -7.13
N GLU D 104 20.03 -26.96 -5.94
CA GLU D 104 18.84 -26.20 -5.58
C GLU D 104 19.04 -24.79 -5.02
N LEU D 105 18.32 -23.84 -5.60
CA LEU D 105 18.34 -22.45 -5.18
C LEU D 105 16.94 -22.08 -4.72
N LYS D 106 16.84 -21.44 -3.56
CA LYS D 106 15.55 -20.99 -3.01
C LYS D 106 15.68 -19.52 -2.65
N ARG D 107 14.94 -18.69 -3.37
CA ARG D 107 14.98 -17.24 -3.17
C ARG D 107 13.81 -16.80 -2.34
N VAL D 108 14.09 -16.17 -1.21
CA VAL D 108 13.05 -15.72 -0.31
C VAL D 108 12.99 -14.22 -0.13
N GLY D 109 11.89 -13.63 -0.57
CA GLY D 109 11.69 -12.20 -0.46
C GLY D 109 10.93 -11.91 0.81
N MET D 110 11.28 -10.81 1.46
CA MET D 110 10.62 -10.45 2.71
C MET D 110 10.64 -8.97 3.03
N GLU D 111 9.50 -8.47 3.48
CA GLU D 111 9.36 -7.07 3.86
C GLU D 111 8.94 -6.98 5.32
N PHE D 112 9.69 -6.21 6.10
CA PHE D 112 9.38 -5.99 7.50
C PHE D 112 8.63 -4.67 7.47
N GLU D 113 7.30 -4.75 7.54
CA GLU D 113 6.43 -3.58 7.48
C GLU D 113 6.08 -2.89 8.77
N THR D 114 6.67 -1.72 8.98
CA THR D 114 6.34 -0.89 10.15
C THR D 114 5.95 0.48 9.63
N GLY D 115 5.61 0.50 8.34
CA GLY D 115 5.17 1.73 7.70
C GLY D 115 3.66 1.82 7.89
N ASN D 116 3.03 2.77 7.23
CA ASN D 116 1.60 2.93 7.31
C ASN D 116 0.98 1.67 6.73
N ILE D 117 -0.20 1.29 7.24
CA ILE D 117 -0.90 0.09 6.75
C ILE D 117 -1.06 0.08 5.22
N SER D 118 -1.23 1.25 4.61
CA SER D 118 -1.36 1.36 3.16
C SER D 118 -0.06 0.90 2.47
N SER D 119 1.06 1.16 3.13
CA SER D 119 2.39 0.77 2.62
C SER D 119 2.50 -0.76 2.59
N ALA D 120 1.76 -1.44 3.48
CA ALA D 120 1.79 -2.90 3.56
C ALA D 120 1.16 -3.49 2.31
N HIS D 121 0.21 -2.78 1.71
CA HIS D 121 -0.42 -3.26 0.49
C HIS D 121 0.59 -3.17 -0.65
N ARG D 122 1.48 -2.18 -0.57
CA ARG D 122 2.52 -2.04 -1.57
C ARG D 122 3.49 -3.21 -1.40
N SER D 123 3.90 -3.45 -0.16
CA SER D 123 4.81 -4.55 0.16
C SER D 123 4.32 -5.87 -0.38
N MET D 124 3.06 -6.20 -0.07
CA MET D 124 2.45 -7.43 -0.52
C MET D 124 2.36 -7.52 -2.05
N ASN D 125 1.95 -6.42 -2.68
CA ASN D 125 1.86 -6.36 -4.13
C ASN D 125 3.22 -6.49 -4.81
N LYS D 126 4.26 -5.97 -4.18
CA LYS D 126 5.62 -6.07 -4.71
C LYS D 126 6.13 -7.51 -4.59
N LEU D 127 5.82 -8.18 -3.49
CA LEU D 127 6.23 -9.56 -3.29
C LEU D 127 5.44 -10.43 -4.28
N LEU D 128 4.18 -10.06 -4.49
CA LEU D 128 3.28 -10.75 -5.41
C LEU D 128 3.82 -10.66 -6.85
N LEU D 129 4.38 -9.50 -7.18
CA LEU D 129 4.96 -9.24 -8.51
C LEU D 129 6.23 -10.09 -8.66
N GLY D 130 7.04 -10.15 -7.62
CA GLY D 130 8.25 -10.95 -7.66
C GLY D 130 7.89 -12.42 -7.77
N LEU D 131 6.85 -12.81 -7.06
CA LEU D 131 6.33 -14.19 -7.06
C LEU D 131 5.79 -14.57 -8.42
N LYS D 132 4.90 -13.74 -8.95
CA LYS D 132 4.27 -13.95 -10.24
C LYS D 132 5.28 -14.09 -11.39
N HIS D 133 6.38 -13.35 -11.32
CA HIS D 133 7.39 -13.41 -12.35
C HIS D 133 8.54 -14.38 -12.07
N GLY D 134 8.35 -15.28 -11.11
CA GLY D 134 9.36 -16.27 -10.78
C GLY D 134 10.69 -15.78 -10.25
N GLU D 135 10.70 -14.61 -9.62
CA GLU D 135 11.94 -14.06 -9.07
C GLU D 135 12.18 -14.53 -7.64
N ILE D 136 11.10 -14.96 -6.99
CA ILE D 136 11.19 -15.49 -5.63
C ILE D 136 10.29 -16.72 -5.54
N ASP D 137 10.56 -17.55 -4.54
CA ASP D 137 9.82 -18.77 -4.32
C ASP D 137 9.00 -18.71 -3.04
N LEU D 138 9.17 -17.62 -2.30
CA LEU D 138 8.46 -17.45 -1.05
C LEU D 138 8.49 -16.01 -0.57
N ALA D 139 7.32 -15.47 -0.23
CA ALA D 139 7.22 -14.10 0.27
C ALA D 139 6.83 -14.10 1.74
N ILE D 140 7.42 -13.18 2.49
CA ILE D 140 7.15 -13.06 3.91
C ILE D 140 6.96 -11.60 4.29
N ILE D 141 5.96 -11.35 5.13
CA ILE D 141 5.70 -10.02 5.62
C ILE D 141 5.64 -10.06 7.16
N LEU D 142 6.46 -9.23 7.79
CA LEU D 142 6.49 -9.15 9.24
C LEU D 142 5.78 -7.86 9.62
N MET D 143 4.96 -7.91 10.66
CA MET D 143 4.22 -6.74 11.11
C MET D 143 3.70 -6.99 12.51
N PRO D 144 3.63 -5.95 13.35
CA PRO D 144 3.13 -6.13 14.72
C PRO D 144 1.64 -6.42 14.69
N ILE D 145 1.10 -6.90 15.81
CA ILE D 145 -0.34 -7.15 15.86
C ILE D 145 -1.01 -5.86 16.36
N LYS D 146 -2.32 -5.79 16.20
CA LYS D 146 -3.13 -4.65 16.60
C LYS D 146 -2.85 -4.16 18.03
N GLN D 147 -2.78 -5.08 18.99
CA GLN D 147 -2.55 -4.72 20.38
C GLN D 147 -1.23 -4.03 20.59
N LEU D 148 -0.20 -4.44 19.85
CA LEU D 148 1.12 -3.82 19.96
C LEU D 148 1.11 -2.47 19.25
N ALA D 149 0.56 -2.48 18.04
CA ALA D 149 0.45 -1.28 17.22
C ALA D 149 -0.36 -0.15 17.84
N TYR D 150 -1.18 -0.46 18.83
CA TYR D 150 -1.97 0.56 19.51
C TYR D 150 -1.04 1.55 20.23
N TYR D 151 0.10 1.05 20.67
CA TYR D 151 1.07 1.85 21.38
C TYR D 151 2.20 2.32 20.49
N LEU D 152 2.09 2.02 19.19
CA LEU D 152 3.07 2.44 18.20
C LEU D 152 2.52 3.57 17.36
N THR D 153 3.43 4.27 16.66
CA THR D 153 3.08 5.37 15.76
C THR D 153 1.73 5.13 15.06
N ASP D 154 0.84 6.12 15.16
CA ASP D 154 -0.49 6.02 14.59
C ASP D 154 -0.55 5.50 13.16
N ARG D 155 -1.41 4.52 12.97
CA ARG D 155 -1.68 3.90 11.68
C ARG D 155 -0.63 2.96 11.11
N VAL D 156 0.28 2.47 11.96
CA VAL D 156 1.31 1.52 11.50
C VAL D 156 0.67 0.24 11.03
N THR D 157 1.34 -0.42 10.09
CA THR D 157 0.87 -1.70 9.56
C THR D 157 0.60 -2.60 10.77
N ASN D 158 -0.47 -3.38 10.70
CA ASN D 158 -0.83 -4.30 11.78
C ASN D 158 -1.49 -5.54 11.17
N PHE D 159 -1.17 -6.71 11.72
CA PHE D 159 -1.68 -8.00 11.21
C PHE D 159 -3.18 -8.03 10.87
N GLU D 160 -4.01 -7.64 11.82
CA GLU D 160 -5.46 -7.64 11.66
C GLU D 160 -5.97 -6.74 10.54
N GLU D 161 -5.34 -5.59 10.34
CA GLU D 161 -5.78 -4.68 9.30
C GLU D 161 -5.39 -5.09 7.87
N LEU D 162 -4.34 -5.88 7.72
CA LEU D 162 -3.95 -6.33 6.39
C LEU D 162 -4.68 -7.64 6.11
N GLU D 163 -5.09 -8.31 7.18
CA GLU D 163 -5.79 -9.60 7.11
C GLU D 163 -6.88 -9.79 6.06
N PRO D 164 -7.79 -8.80 5.90
CA PRO D 164 -8.85 -8.96 4.89
C PRO D 164 -8.27 -9.18 3.49
N TYR D 165 -7.06 -8.69 3.28
CA TYR D 165 -6.41 -8.79 2.00
C TYR D 165 -5.43 -9.95 1.77
N PHE D 166 -5.32 -10.85 2.75
CA PHE D 166 -4.42 -12.00 2.63
C PHE D 166 -4.88 -12.89 1.51
N GLU D 167 -6.19 -12.90 1.23
CA GLU D 167 -6.72 -13.77 0.17
C GLU D 167 -6.26 -13.40 -1.24
N LEU D 168 -5.71 -12.19 -1.40
CA LEU D 168 -5.22 -11.76 -2.70
C LEU D 168 -3.88 -12.41 -3.05
N THR D 169 -3.32 -13.17 -2.12
CA THR D 169 -2.06 -13.86 -2.34
C THR D 169 -2.32 -15.32 -2.69
N GLU D 170 -3.53 -15.60 -3.17
CA GLU D 170 -3.97 -16.93 -3.54
C GLU D 170 -3.17 -17.57 -4.65
N GLY D 171 -2.97 -18.89 -4.52
CA GLY D 171 -2.21 -19.64 -5.52
C GLY D 171 -0.74 -19.28 -5.56
N GLN D 172 -0.27 -18.61 -4.52
CA GLN D 172 1.11 -18.19 -4.40
C GLN D 172 1.62 -18.42 -3.00
N PRO D 173 2.86 -18.89 -2.86
CA PRO D 173 3.49 -19.15 -1.55
C PRO D 173 3.81 -17.85 -0.77
N PHE D 174 3.03 -17.59 0.28
CA PHE D 174 3.16 -16.37 1.07
C PHE D 174 2.99 -16.62 2.58
N ILE D 175 3.71 -15.86 3.40
CA ILE D 175 3.63 -15.97 4.87
C ILE D 175 3.48 -14.59 5.51
N PHE D 176 2.47 -14.46 6.35
CA PHE D 176 2.19 -13.22 7.08
C PHE D 176 2.44 -13.53 8.55
N ILE D 177 3.31 -12.75 9.18
CA ILE D 177 3.67 -12.97 10.58
C ILE D 177 3.34 -11.75 11.43
N GLY D 178 2.55 -11.97 12.49
CA GLY D 178 2.17 -10.90 13.41
C GLY D 178 2.86 -11.08 14.74
N PHE D 179 3.66 -10.10 15.14
CA PHE D 179 4.39 -10.18 16.40
C PHE D 179 3.82 -9.26 17.47
N ASN D 180 4.15 -9.57 18.73
CA ASN D 180 3.68 -8.79 19.87
C ASN D 180 4.77 -8.79 20.95
N ALA D 181 4.74 -7.82 21.84
CA ALA D 181 5.71 -7.75 22.92
C ALA D 181 5.34 -8.82 23.95
N GLU D 182 6.21 -9.02 24.93
CA GLU D 182 5.96 -9.99 25.99
C GLU D 182 5.35 -9.31 27.20
N ALA D 183 5.56 -8.01 27.30
CA ALA D 183 5.06 -7.24 28.41
C ALA D 183 4.74 -5.81 28.01
N TYR D 184 3.89 -5.19 28.82
CA TYR D 184 3.45 -3.80 28.66
C TYR D 184 3.62 -3.18 30.04
N ASN D 185 4.44 -2.14 30.11
CA ASN D 185 4.71 -1.49 31.38
C ASN D 185 5.05 -0.04 31.12
N SER D 186 4.85 0.78 32.13
CA SER D 186 5.13 2.21 32.04
C SER D 186 6.52 2.52 32.58
N ASN D 187 7.19 1.51 33.11
CA ASN D 187 8.50 1.72 33.69
C ASN D 187 9.66 1.45 32.74
N VAL D 188 9.36 1.19 31.48
CA VAL D 188 10.40 0.98 30.46
C VAL D 188 10.42 2.28 29.64
N PRO D 189 11.61 2.74 29.23
CA PRO D 189 11.69 3.97 28.44
C PRO D 189 10.94 3.91 27.11
N LEU D 190 10.49 5.05 26.65
CA LEU D 190 9.76 5.17 25.40
C LEU D 190 10.67 4.89 24.22
N ILE D 191 10.14 4.19 23.21
CA ILE D 191 10.92 3.95 22.00
C ILE D 191 10.85 5.30 21.30
N PRO D 192 11.98 5.98 21.12
CA PRO D 192 12.00 7.30 20.46
C PRO D 192 11.48 7.42 19.03
N LYS D 193 10.88 8.57 18.73
CA LYS D 193 10.35 8.89 17.40
C LYS D 193 11.29 9.86 16.68
N GLY D 194 11.17 9.96 15.37
CA GLY D 194 12.03 10.86 14.63
C GLY D 194 13.45 10.36 14.47
N SER D 195 14.43 11.26 14.44
CA SER D 195 15.83 10.89 14.27
C SER D 195 16.45 10.18 15.45
N ASP D 196 15.98 10.50 16.66
CA ASP D 196 16.50 9.86 17.87
C ASP D 196 16.41 8.34 17.84
N GLY D 197 15.44 7.82 17.10
CA GLY D 197 15.24 6.37 17.03
C GLY D 197 15.74 5.73 15.75
N MET D 198 16.55 6.46 15.02
CA MET D 198 17.11 5.97 13.78
C MET D 198 18.51 5.44 14.10
N SER D 199 18.80 4.20 13.70
CA SER D 199 20.14 3.67 13.94
C SER D 199 20.93 4.08 12.72
N LYS D 200 22.16 4.51 12.94
CA LYS D 200 22.99 4.92 11.82
C LYS D 200 23.86 3.74 11.41
N ARG D 201 23.24 2.56 11.50
CA ARG D 201 23.89 1.31 11.18
C ARG D 201 23.94 1.06 9.68
N SER D 202 25.10 0.64 9.19
CA SER D 202 25.24 0.32 7.78
C SER D 202 24.65 -1.07 7.59
N ILE D 203 23.72 -1.18 6.65
CA ILE D 203 23.05 -2.44 6.38
C ILE D 203 23.74 -3.22 5.24
N LYS D 204 23.46 -4.52 5.15
CA LYS D 204 24.05 -5.36 4.11
C LYS D 204 23.32 -5.29 2.78
N LYS D 205 23.65 -4.29 1.97
CA LYS D 205 23.02 -4.10 0.67
C LYS D 205 23.36 -5.22 -0.31
N TRP D 206 22.35 -5.65 -1.06
CA TRP D 206 22.50 -6.71 -2.04
C TRP D 206 23.50 -6.31 -3.13
N LYS D 207 23.48 -5.03 -3.49
CA LYS D 207 24.38 -4.54 -4.52
C LYS D 207 25.85 -4.74 -4.13
N ASP D 208 26.10 -4.88 -2.84
CA ASP D 208 27.45 -5.08 -2.34
C ASP D 208 27.71 -6.57 -2.05
N LYS D 209 27.31 -7.43 -2.99
CA LYS D 209 27.45 -8.88 -2.86
C LYS D 209 28.42 -9.52 -3.88
N VAL D 210 28.72 -10.80 -3.61
CA VAL D 210 29.54 -11.74 -4.40
C VAL D 210 29.77 -13.00 -3.56
CA CA E . -9.81 8.34 -2.05
CA CA F . -12.68 6.70 0.76
#